data_4ELU
#
_entry.id   4ELU
#
_cell.length_a   108.209
_cell.length_b   108.209
_cell.length_c   90.397
_cell.angle_alpha   90.00
_cell.angle_beta   90.00
_cell.angle_gamma   120.00
#
_symmetry.space_group_name_H-M   'P 31 2 1'
#
loop_
_entity.id
_entity.type
_entity.pdbx_description
1 polymer 'DNA polymerase I, thermostable'
2 polymer "DNA (5'-D(*GP*AP*CP*CP*AP*CP*GP*GP*CP*GP*CP*(DDG))-3')"
3 polymer "DNA (5'-D(*AP*AP*AP*GP*CP*GP*CP*GP*CP*CP*GP*TP*GP*GP*TP*C)-3')"
4 non-polymer "2'-deoxy-5-[(4-ethynylphenyl)ethynyl]cytidine 5'-(tetrahydrogen triphosphate)"
5 non-polymer 'MAGNESIUM ION'
6 non-polymer GLYCEROL
7 non-polymer 'TRIETHYLENE GLYCOL'
8 non-polymer 'ACETATE ION'
9 water water
#
loop_
_entity_poly.entity_id
_entity_poly.type
_entity_poly.pdbx_seq_one_letter_code
_entity_poly.pdbx_strand_id
1 'polypeptide(L)'
;ALEEAPWPPPEGAFVGFVLSRKEPMWADLLALAAARGGRVHRAPEPYKALRDLKEARGLLAKDLSVLALREGLGLPPGDD
PMLLAYLLDPSNTTPEGVARRYGGEWTEEAGERAALSERLFANLWGRLEGEERLLWLYREVERPLSAVLAHMEATGVRLD
VAYLRALSLEVAEEIARLEAEVFRLAGHPFNLNSRDQLERVLFDELGLPAIGKTEKTGKRSTSAAVLEALREAHPIVEKI
LQYRELTKLKSTYIDPLPDLIHPRTGRLHTRFNQTATATGRLSSSDPNLQNIPVRTPLGQRIRRAFIAEEGWLLVALDYS
QIELRVLAHLSGDENLIRVFQEGRDIHTETASWMFGVPREAVDPLMRRAAKTINFGVLYGMSAHRLSQELAIPYEEAQAF
IERYFQSFPKVRAWIEKTLEEGRRRGYVETLFGRRRYVPDLEARVKSVREAAERMAFNMPVQGTAADLMKLAMVKLFPRL
EEMGARMLLQVHDELVLEAPKERAEAVARLAKEVMEGVYPLAVPLEVEVGIGEDWLSAKE
;
A
2 'polydeoxyribonucleotide' (DG)(DA)(DC)(DC)(DA)(DC)(DG)(DG)(DC)(DG)(DC)(DDG) B
3 'polydeoxyribonucleotide' (DA)(DA)(DA)(DG)(DC)(DG)(DC)(DG)(DC)(DC)(DG)(DT)(DG)(DG)(DT)(DC) C
#
loop_
_chem_comp.id
_chem_comp.type
_chem_comp.name
_chem_comp.formula
0R6 non-polymer '2'-deoxy-5-[(4-ethynylphenyl)ethynyl]cytidine 5'-(tetrahydrogen triphosphate)' 'C19 H20 N3 O13 P3'
ACT non-polymer 'ACETATE ION' 'C2 H3 O2 -1'
DA DNA linking 2'-DEOXYADENOSINE-5'-MONOPHOSPHATE 'C10 H14 N5 O6 P'
DC DNA linking 2'-DEOXYCYTIDINE-5'-MONOPHOSPHATE 'C9 H14 N3 O7 P'
DDG DNA linking 2',3'-DIDEOXY-GUANOSINE-5'-MONOPHOSPHATE 'C10 H14 N5 O6 P'
DG DNA linking 2'-DEOXYGUANOSINE-5'-MONOPHOSPHATE 'C10 H14 N5 O7 P'
DT DNA linking THYMIDINE-5'-MONOPHOSPHATE 'C10 H15 N2 O8 P'
GOL non-polymer GLYCEROL 'C3 H8 O3'
MG non-polymer 'MAGNESIUM ION' 'Mg 2'
PGE non-polymer 'TRIETHYLENE GLYCOL' 'C6 H14 O4'
#
# COMPACT_ATOMS: atom_id res chain seq x y z
N LEU A 2 -37.42 1.93 13.85
CA LEU A 2 -37.06 3.17 14.53
C LEU A 2 -38.08 4.26 14.26
N GLU A 3 -38.43 5.00 15.31
CA GLU A 3 -39.36 6.12 15.19
C GLU A 3 -38.70 7.27 14.44
N GLU A 4 -39.36 7.76 13.40
CA GLU A 4 -38.86 8.88 12.63
C GLU A 4 -38.96 10.17 13.43
N ALA A 5 -37.85 10.91 13.50
CA ALA A 5 -37.81 12.17 14.22
C ALA A 5 -37.21 13.23 13.32
N PRO A 6 -37.63 14.49 13.49
CA PRO A 6 -37.13 15.58 12.65
C PRO A 6 -35.62 15.75 12.74
N TRP A 7 -35.00 16.14 11.62
CA TRP A 7 -33.62 16.59 11.63
C TRP A 7 -33.60 17.92 12.39
N PRO A 8 -32.50 18.23 13.10
CA PRO A 8 -31.24 17.49 13.30
C PRO A 8 -31.32 16.46 14.42
N PRO A 9 -30.37 15.51 14.45
CA PRO A 9 -30.26 14.51 15.52
C PRO A 9 -29.52 15.11 16.72
N PRO A 10 -29.57 14.42 17.87
CA PRO A 10 -28.77 14.87 19.02
C PRO A 10 -27.31 14.50 18.82
N GLU A 11 -26.42 15.07 19.63
CA GLU A 11 -25.01 14.73 19.52
C GLU A 11 -24.76 13.27 19.90
N GLY A 12 -23.79 12.66 19.23
CA GLY A 12 -23.45 11.27 19.47
C GLY A 12 -24.22 10.31 18.58
N ALA A 13 -25.11 10.85 17.75
CA ALA A 13 -25.89 10.01 16.84
C ALA A 13 -24.95 9.38 15.82
N PHE A 14 -25.35 8.22 15.29
CA PHE A 14 -24.58 7.58 14.23
C PHE A 14 -25.11 8.02 12.87
N VAL A 15 -24.22 8.30 11.92
CA VAL A 15 -24.66 8.74 10.61
C VAL A 15 -24.77 7.61 9.60
N GLY A 16 -25.69 7.81 8.66
CA GLY A 16 -25.80 6.99 7.48
C GLY A 16 -25.87 7.96 6.32
N PHE A 17 -25.23 7.60 5.22
CA PHE A 17 -25.20 8.49 4.06
C PHE A 17 -25.07 7.68 2.80
N VAL A 18 -25.60 8.21 1.71
CA VAL A 18 -25.49 7.57 0.42
C VAL A 18 -24.82 8.51 -0.58
N LEU A 19 -23.82 7.98 -1.28
CA LEU A 19 -23.04 8.73 -2.27
C LEU A 19 -23.39 8.27 -3.68
N SER A 20 -23.33 9.17 -4.64
CA SER A 20 -23.61 8.82 -6.04
C SER A 20 -22.55 7.89 -6.62
N ARG A 21 -21.37 7.90 -6.02
CA ARG A 21 -20.27 7.02 -6.44
C ARG A 21 -19.36 6.84 -5.25
N LYS A 22 -18.55 5.80 -5.28
CA LYS A 22 -17.77 5.39 -4.11
C LYS A 22 -16.71 6.42 -3.67
N GLU A 23 -16.17 7.20 -4.60
CA GLU A 23 -15.10 8.14 -4.26
C GLU A 23 -15.64 9.45 -3.67
N PRO A 24 -15.37 9.72 -2.37
CA PRO A 24 -15.92 10.91 -1.71
C PRO A 24 -15.50 12.24 -2.31
N MET A 25 -14.33 12.33 -2.92
CA MET A 25 -13.95 13.60 -3.56
C MET A 25 -14.76 13.87 -4.82
N TRP A 26 -15.42 12.84 -5.37
CA TRP A 26 -16.15 13.00 -6.63
C TRP A 26 -17.66 12.80 -6.48
N ALA A 27 -18.09 12.34 -5.31
CA ALA A 27 -19.49 11.96 -5.12
C ALA A 27 -20.43 13.12 -4.85
N ASP A 28 -21.66 12.94 -5.30
CA ASP A 28 -22.77 13.75 -4.88
C ASP A 28 -23.33 13.08 -3.63
N LEU A 29 -23.53 13.85 -2.57
CA LEU A 29 -24.16 13.35 -1.35
C LEU A 29 -25.67 13.30 -1.57
N LEU A 30 -26.18 12.10 -1.82
CA LEU A 30 -27.59 11.94 -2.19
C LEU A 30 -28.53 11.92 -0.99
N ALA A 31 -28.06 11.38 0.13
CA ALA A 31 -28.92 11.31 1.31
C ALA A 31 -28.07 11.25 2.57
N LEU A 32 -28.65 11.74 3.68
CA LEU A 32 -27.95 11.76 4.95
C LEU A 32 -28.96 11.52 6.04
N ALA A 33 -28.61 10.67 7.01
CA ALA A 33 -29.52 10.40 8.11
C ALA A 33 -28.71 10.13 9.36
N ALA A 34 -29.38 10.14 10.50
CA ALA A 34 -28.71 9.85 11.75
C ALA A 34 -29.61 9.04 12.69
N ALA A 35 -29.00 8.25 13.55
CA ALA A 35 -29.76 7.35 14.41
C ALA A 35 -29.23 7.39 15.83
N ARG A 36 -30.17 7.44 16.79
CA ARG A 36 -29.83 7.42 18.20
C ARG A 36 -31.10 7.34 19.04
N GLY A 37 -31.06 6.53 20.08
CA GLY A 37 -32.14 6.49 21.05
C GLY A 37 -33.45 5.99 20.48
N GLY A 38 -33.34 5.08 19.51
CA GLY A 38 -34.51 4.48 18.90
C GLY A 38 -35.22 5.46 17.99
N ARG A 39 -34.49 6.46 17.53
CA ARG A 39 -35.02 7.40 16.56
C ARG A 39 -34.13 7.41 15.33
N VAL A 40 -34.72 7.71 14.19
CA VAL A 40 -33.95 7.95 12.98
C VAL A 40 -34.32 9.33 12.44
N HIS A 41 -33.29 10.13 12.18
CA HIS A 41 -33.49 11.48 11.70
C HIS A 41 -33.02 11.56 10.26
N ARG A 42 -33.93 11.83 9.33
CA ARG A 42 -33.57 11.93 7.93
C ARG A 42 -33.48 13.38 7.46
N ALA A 43 -32.35 13.74 6.87
CA ALA A 43 -32.10 15.11 6.41
C ALA A 43 -32.87 15.43 5.14
N PRO A 44 -33.66 16.52 5.16
CA PRO A 44 -34.41 16.93 3.97
C PRO A 44 -33.45 17.37 2.87
N GLU A 45 -32.39 18.06 3.27
CA GLU A 45 -31.39 18.56 2.34
C GLU A 45 -29.97 18.22 2.82
N PRO A 46 -29.41 17.10 2.32
CA PRO A 46 -28.16 16.50 2.78
C PRO A 46 -27.00 17.48 2.97
N TYR A 47 -26.75 18.32 1.98
CA TYR A 47 -25.58 19.18 2.03
C TYR A 47 -25.66 20.20 3.17
N LYS A 48 -26.79 20.88 3.28
CA LYS A 48 -26.98 21.84 4.35
C LYS A 48 -26.96 21.13 5.70
N ALA A 49 -27.51 19.92 5.73
CA ALA A 49 -27.59 19.17 6.98
C ALA A 49 -26.23 18.74 7.49
N LEU A 50 -25.26 18.61 6.57
CA LEU A 50 -23.89 18.28 6.94
C LEU A 50 -23.36 19.28 7.96
N ARG A 51 -23.76 20.54 7.81
CA ARG A 51 -23.29 21.61 8.67
C ARG A 51 -23.78 21.47 10.11
N ASP A 52 -24.73 20.57 10.34
CA ASP A 52 -25.29 20.35 11.68
C ASP A 52 -24.49 19.35 12.52
N LEU A 53 -23.64 18.55 11.88
CA LEU A 53 -22.95 17.47 12.59
C LEU A 53 -21.65 17.94 13.26
N LYS A 54 -21.38 17.37 14.43
CA LYS A 54 -20.16 17.70 15.16
C LYS A 54 -19.03 16.74 14.77
N GLU A 55 -19.42 15.50 14.46
CA GLU A 55 -18.46 14.50 13.99
C GLU A 55 -19.19 13.48 13.13
N ALA A 56 -18.45 12.81 12.25
CA ALA A 56 -19.01 11.71 11.48
C ALA A 56 -18.77 10.42 12.25
N ARG A 57 -19.84 9.82 12.73
CA ARG A 57 -19.76 8.61 13.52
C ARG A 57 -20.59 7.51 12.84
N GLY A 58 -19.93 6.46 12.34
CA GLY A 58 -20.66 5.39 11.69
C GLY A 58 -19.83 4.68 10.62
N LEU A 59 -20.49 3.80 9.88
CA LEU A 59 -19.80 3.04 8.83
C LEU A 59 -19.22 4.01 7.82
N LEU A 60 -17.97 3.75 7.42
CA LEU A 60 -17.26 4.59 6.43
C LEU A 60 -17.22 6.07 6.83
N ALA A 61 -17.09 6.33 8.12
CA ALA A 61 -17.04 7.69 8.64
C ALA A 61 -16.05 8.56 7.90
N LYS A 62 -14.86 8.02 7.63
CA LYS A 62 -13.84 8.79 6.92
C LYS A 62 -14.33 9.38 5.58
N ASP A 63 -15.08 8.58 4.82
CA ASP A 63 -15.56 9.02 3.51
C ASP A 63 -16.49 10.23 3.63
N LEU A 64 -17.39 10.22 4.61
CA LEU A 64 -18.25 11.39 4.81
C LEU A 64 -17.40 12.58 5.23
N SER A 65 -16.39 12.34 6.06
CA SER A 65 -15.48 13.41 6.50
CA SER A 65 -15.50 13.43 6.50
C SER A 65 -14.76 14.05 5.32
N VAL A 66 -14.30 13.20 4.38
CA VAL A 66 -13.60 13.70 3.20
C VAL A 66 -14.53 14.60 2.38
N LEU A 67 -15.77 14.16 2.20
CA LEU A 67 -16.73 14.97 1.44
C LEU A 67 -17.01 16.29 2.17
N ALA A 68 -17.09 16.23 3.50
CA ALA A 68 -17.30 17.47 4.27
C ALA A 68 -16.12 18.43 4.13
N LEU A 69 -14.91 17.89 4.23
CA LEU A 69 -13.71 18.72 4.03
C LEU A 69 -13.69 19.33 2.64
N ARG A 70 -14.09 18.55 1.64
CA ARG A 70 -14.20 19.07 0.28
C ARG A 70 -15.10 20.31 0.24
N GLU A 71 -16.17 20.28 1.02
CA GLU A 71 -17.14 21.38 1.06
C GLU A 71 -16.75 22.49 2.04
N GLY A 72 -15.55 22.38 2.62
CA GLY A 72 -15.03 23.42 3.50
C GLY A 72 -15.57 23.33 4.92
N LEU A 73 -15.99 22.14 5.32
CA LEU A 73 -16.49 21.90 6.66
C LEU A 73 -15.50 21.03 7.44
N GLY A 74 -15.13 21.44 8.65
CA GLY A 74 -14.17 20.69 9.44
C GLY A 74 -14.85 19.61 10.26
N LEU A 75 -15.33 18.58 9.58
CA LEU A 75 -16.07 17.50 10.22
C LEU A 75 -15.21 16.24 10.38
N PRO A 76 -14.70 15.99 11.59
CA PRO A 76 -13.80 14.85 11.80
C PRO A 76 -14.54 13.52 11.89
N PRO A 77 -13.92 12.44 11.42
CA PRO A 77 -14.50 11.11 11.59
C PRO A 77 -14.25 10.61 13.00
N GLY A 78 -15.21 9.89 13.55
CA GLY A 78 -15.08 9.33 14.89
C GLY A 78 -15.20 7.82 14.81
N ASP A 79 -15.99 7.26 15.70
CA ASP A 79 -16.15 5.80 15.74
C ASP A 79 -16.65 5.29 14.40
N ASP A 80 -16.14 4.12 14.01
CA ASP A 80 -16.55 3.47 12.76
C ASP A 80 -16.50 1.97 13.01
N PRO A 81 -17.65 1.29 12.93
CA PRO A 81 -17.70 -0.16 13.18
C PRO A 81 -16.80 -0.95 12.20
N MET A 82 -16.53 -0.42 11.02
CA MET A 82 -15.61 -1.08 10.09
C MET A 82 -14.24 -1.31 10.73
N LEU A 83 -13.77 -0.32 11.50
CA LEU A 83 -12.45 -0.37 12.12
C LEU A 83 -12.43 -1.40 13.26
N LEU A 84 -13.51 -1.48 14.03
CA LEU A 84 -13.61 -2.51 15.05
C LEU A 84 -13.60 -3.89 14.40
N ALA A 85 -14.40 -4.06 13.35
CA ALA A 85 -14.49 -5.37 12.69
C ALA A 85 -13.15 -5.78 12.10
N TYR A 86 -12.47 -4.81 11.50
CA TYR A 86 -11.20 -5.08 10.82
C TYR A 86 -10.14 -5.48 11.81
N LEU A 87 -10.19 -4.88 13.01
CA LEU A 87 -9.25 -5.26 14.07
C LEU A 87 -9.56 -6.65 14.64
N LEU A 88 -10.84 -6.99 14.73
CA LEU A 88 -11.22 -8.35 15.15
C LEU A 88 -10.75 -9.42 14.16
N ASP A 89 -10.80 -9.11 12.87
CA ASP A 89 -10.45 -10.06 11.82
C ASP A 89 -10.28 -9.26 10.53
N PRO A 90 -9.04 -9.16 10.02
CA PRO A 90 -8.81 -8.27 8.87
C PRO A 90 -9.43 -8.77 7.56
N SER A 91 -10.05 -9.95 7.58
CA SER A 91 -10.85 -10.37 6.43
C SER A 91 -12.16 -9.58 6.38
N ASN A 92 -12.46 -8.84 7.45
CA ASN A 92 -13.60 -7.91 7.47
C ASN A 92 -13.23 -6.63 6.74
N THR A 93 -13.48 -6.58 5.44
CA THR A 93 -13.01 -5.47 4.62
C THR A 93 -14.13 -4.64 3.98
N THR A 94 -15.36 -5.15 3.96
CA THR A 94 -16.46 -4.44 3.31
C THR A 94 -17.68 -4.29 4.21
N PRO A 95 -18.44 -3.21 4.03
CA PRO A 95 -19.64 -3.02 4.85
C PRO A 95 -20.66 -4.11 4.56
N GLU A 96 -20.71 -4.60 3.32
CA GLU A 96 -21.62 -5.68 2.99
C GLU A 96 -21.34 -6.91 3.86
N GLY A 97 -20.07 -7.25 3.99
CA GLY A 97 -19.67 -8.46 4.71
C GLY A 97 -19.78 -8.28 6.20
N VAL A 98 -19.35 -7.11 6.66
CA VAL A 98 -19.40 -6.80 8.10
C VAL A 98 -20.84 -6.77 8.59
N ALA A 99 -21.74 -6.20 7.78
CA ALA A 99 -23.16 -6.20 8.14
C ALA A 99 -23.71 -7.61 8.27
N ARG A 100 -23.45 -8.46 7.28
CA ARG A 100 -23.96 -9.83 7.31
C ARG A 100 -23.42 -10.59 8.51
N ARG A 101 -22.17 -10.33 8.86
CA ARG A 101 -21.52 -11.09 9.92
C ARG A 101 -21.93 -10.62 11.31
N TYR A 102 -22.20 -9.33 11.45
CA TYR A 102 -22.37 -8.74 12.79
C TYR A 102 -23.71 -8.08 13.12
N GLY A 103 -24.67 -8.11 12.19
CA GLY A 103 -26.04 -7.83 12.59
C GLY A 103 -26.94 -6.99 11.71
N GLY A 104 -26.85 -7.14 10.40
CA GLY A 104 -27.78 -6.41 9.54
C GLY A 104 -27.51 -6.60 8.07
N GLU A 105 -27.94 -5.62 7.28
CA GLU A 105 -27.77 -5.68 5.84
C GLU A 105 -27.42 -4.30 5.34
N TRP A 106 -26.37 -4.22 4.52
CA TRP A 106 -25.97 -2.96 3.91
C TRP A 106 -26.88 -2.68 2.73
N THR A 107 -27.70 -1.64 2.87
CA THR A 107 -28.68 -1.29 1.84
C THR A 107 -28.28 0.02 1.19
N GLU A 108 -29.18 0.57 0.39
CA GLU A 108 -28.87 1.81 -0.32
C GLU A 108 -29.71 2.98 0.19
N GLU A 109 -30.10 2.92 1.45
CA GLU A 109 -30.90 3.99 2.06
C GLU A 109 -30.19 4.52 3.30
N ALA A 110 -30.09 5.84 3.42
CA ALA A 110 -29.29 6.47 4.47
C ALA A 110 -29.80 6.17 5.88
N GLY A 111 -31.11 6.23 6.08
CA GLY A 111 -31.68 5.91 7.38
C GLY A 111 -31.35 4.50 7.84
N GLU A 112 -31.45 3.55 6.93
CA GLU A 112 -31.12 2.16 7.26
C GLU A 112 -29.63 2.01 7.57
N ARG A 113 -28.79 2.74 6.85
CA ARG A 113 -27.35 2.70 7.08
C ARG A 113 -26.98 3.32 8.43
N ALA A 114 -27.73 4.33 8.84
CA ALA A 114 -27.50 4.96 10.13
C ALA A 114 -27.87 4.01 11.27
N ALA A 115 -29.04 3.40 11.15
CA ALA A 115 -29.51 2.45 12.16
C ALA A 115 -28.56 1.25 12.22
N LEU A 116 -28.09 0.84 11.05
CA LEU A 116 -27.14 -0.27 10.95
C LEU A 116 -25.83 0.07 11.65
N SER A 117 -25.32 1.27 11.41
CA SER A 117 -24.06 1.72 12.01
C SER A 117 -24.17 1.64 13.54
N GLU A 118 -25.31 2.08 14.06
CA GLU A 118 -25.55 2.06 15.50
C GLU A 118 -25.56 0.64 16.06
N ARG A 119 -26.31 -0.22 15.39
CA ARG A 119 -26.46 -1.62 15.81
C ARG A 119 -25.13 -2.36 15.77
N LEU A 120 -24.42 -2.19 14.65
CA LEU A 120 -23.14 -2.86 14.47
C LEU A 120 -22.10 -2.36 15.47
N PHE A 121 -22.10 -1.04 15.73
CA PHE A 121 -21.19 -0.52 16.73
C PHE A 121 -21.40 -1.16 18.10
N ALA A 122 -22.65 -1.23 18.54
CA ALA A 122 -22.95 -1.89 19.82
C ALA A 122 -22.43 -3.32 19.86
N ASN A 123 -22.74 -4.11 18.84
CA ASN A 123 -22.34 -5.51 18.84
C ASN A 123 -20.81 -5.68 18.77
N LEU A 124 -20.17 -4.94 17.88
CA LEU A 124 -18.73 -5.04 17.69
C LEU A 124 -17.98 -4.53 18.93
N TRP A 125 -18.49 -3.48 19.55
CA TRP A 125 -17.86 -2.94 20.75
C TRP A 125 -17.85 -4.00 21.86
N GLY A 126 -18.95 -4.73 21.97
CA GLY A 126 -19.05 -5.81 22.94
C GLY A 126 -18.06 -6.92 22.65
N ARG A 127 -17.78 -7.14 21.37
CA ARG A 127 -16.86 -8.22 21.00
C ARG A 127 -15.40 -7.87 21.30
N LEU A 128 -15.10 -6.59 21.35
CA LEU A 128 -13.76 -6.15 21.74
C LEU A 128 -13.56 -6.11 23.26
N GLU A 129 -14.62 -6.35 24.01
CA GLU A 129 -14.49 -6.33 25.47
C GLU A 129 -13.54 -7.42 25.91
N GLY A 130 -12.53 -7.03 26.69
CA GLY A 130 -11.53 -7.97 27.15
C GLY A 130 -10.36 -8.03 26.19
N GLU A 131 -10.52 -7.46 25.00
CA GLU A 131 -9.44 -7.46 24.01
C GLU A 131 -8.62 -6.18 24.11
N GLU A 132 -7.87 -6.04 25.20
CA GLU A 132 -7.20 -4.78 25.51
C GLU A 132 -6.20 -4.34 24.45
N ARG A 133 -5.52 -5.28 23.80
CA ARG A 133 -4.51 -4.89 22.81
C ARG A 133 -5.17 -4.37 21.55
N LEU A 134 -6.27 -4.98 21.15
CA LEU A 134 -7.02 -4.51 19.98
C LEU A 134 -7.67 -3.18 20.31
N LEU A 135 -8.18 -3.07 21.52
CA LEU A 135 -8.76 -1.81 21.99
C LEU A 135 -7.74 -0.67 21.94
N TRP A 136 -6.51 -0.95 22.35
CA TRP A 136 -5.44 0.04 22.29
C TRP A 136 -5.18 0.42 20.85
N LEU A 137 -5.13 -0.56 19.95
CA LEU A 137 -4.93 -0.26 18.53
C LEU A 137 -6.03 0.64 17.99
N TYR A 138 -7.28 0.37 18.40
CA TYR A 138 -8.41 1.17 17.92
C TYR A 138 -8.31 2.61 18.43
N ARG A 139 -8.15 2.76 19.74
CA ARG A 139 -8.14 4.08 20.34
C ARG A 139 -6.91 4.90 20.02
N GLU A 140 -5.75 4.25 19.99
CA GLU A 140 -4.48 4.97 19.90
C GLU A 140 -3.97 5.08 18.47
N VAL A 141 -4.47 4.20 17.59
CA VAL A 141 -3.98 4.16 16.22
C VAL A 141 -5.08 4.36 15.18
N GLU A 142 -5.97 3.37 15.03
CA GLU A 142 -6.91 3.37 13.90
C GLU A 142 -7.92 4.54 13.91
N ARG A 143 -8.63 4.74 15.03
CA ARG A 143 -9.58 5.85 15.09
C ARG A 143 -8.95 7.23 14.81
N PRO A 144 -7.87 7.62 15.52
CA PRO A 144 -7.22 8.89 15.18
C PRO A 144 -6.65 8.91 13.75
N LEU A 145 -6.13 7.78 13.30
CA LEU A 145 -5.57 7.72 11.93
C LEU A 145 -6.62 8.05 10.87
N SER A 146 -7.86 7.61 11.10
CA SER A 146 -8.92 7.91 10.13
C SER A 146 -9.06 9.42 9.92
N ALA A 147 -8.91 10.21 10.98
CA ALA A 147 -8.95 11.68 10.85
C ALA A 147 -7.80 12.18 9.98
N VAL A 148 -6.61 11.64 10.18
CA VAL A 148 -5.43 12.03 9.42
C VAL A 148 -5.62 11.70 7.94
N LEU A 149 -6.08 10.48 7.68
CA LEU A 149 -6.30 10.03 6.31
C LEU A 149 -7.35 10.89 5.62
N ALA A 150 -8.40 11.29 6.34
CA ALA A 150 -9.40 12.16 5.73
C ALA A 150 -8.78 13.46 5.22
N HIS A 151 -7.92 14.07 6.03
CA HIS A 151 -7.26 15.31 5.59
C HIS A 151 -6.35 15.07 4.40
N MET A 152 -5.65 13.94 4.40
CA MET A 152 -4.75 13.65 3.28
C MET A 152 -5.55 13.52 1.99
N GLU A 153 -6.66 12.80 2.06
CA GLU A 153 -7.49 12.58 0.88
C GLU A 153 -8.04 13.90 0.34
N ALA A 154 -8.51 14.74 1.25
CA ALA A 154 -9.12 16.02 0.84
C ALA A 154 -8.07 17.02 0.31
N THR A 155 -6.84 16.91 0.77
CA THR A 155 -5.76 17.79 0.35
C THR A 155 -5.29 17.49 -1.08
N GLY A 156 -5.01 16.23 -1.37
CA GLY A 156 -4.55 15.82 -2.69
C GLY A 156 -3.11 16.20 -2.99
N VAL A 157 -2.65 15.89 -4.21
CA VAL A 157 -1.28 16.21 -4.62
C VAL A 157 -1.28 16.86 -6.00
N ARG A 158 -0.43 17.85 -6.20
CA ARG A 158 -0.34 18.57 -7.47
C ARG A 158 0.35 17.72 -8.55
N LEU A 159 -0.15 17.79 -9.78
CA LEU A 159 0.41 17.03 -10.89
C LEU A 159 0.74 17.96 -12.04
N ASP A 160 1.90 17.75 -12.67
CA ASP A 160 2.24 18.52 -13.85
C ASP A 160 1.58 17.88 -15.07
N VAL A 161 0.36 18.32 -15.35
CA VAL A 161 -0.45 17.72 -16.42
C VAL A 161 0.13 17.94 -17.81
N ALA A 162 0.61 19.15 -18.09
CA ALA A 162 1.13 19.43 -19.44
C ALA A 162 2.35 18.56 -19.76
N TYR A 163 3.16 18.32 -18.74
CA TYR A 163 4.33 17.46 -18.86
C TYR A 163 3.94 16.04 -19.24
N LEU A 164 2.94 15.49 -18.56
CA LEU A 164 2.47 14.15 -18.88
C LEU A 164 1.83 14.05 -20.26
N ARG A 165 1.09 15.08 -20.67
CA ARG A 165 0.50 15.12 -22.01
C ARG A 165 1.61 15.06 -23.04
N ALA A 166 2.67 15.83 -22.83
CA ALA A 166 3.79 15.86 -23.76
C ALA A 166 4.49 14.50 -23.78
N LEU A 167 4.64 13.91 -22.60
CA LEU A 167 5.31 12.62 -22.48
C LEU A 167 4.55 11.53 -23.23
N SER A 168 3.22 11.60 -23.17
CA SER A 168 2.37 10.62 -23.85
C SER A 168 2.67 10.57 -25.35
N LEU A 169 2.79 11.73 -25.97
CA LEU A 169 3.08 11.79 -27.41
C LEU A 169 4.41 11.13 -27.78
N GLU A 170 5.42 11.33 -26.93
CA GLU A 170 6.74 10.75 -27.16
C GLU A 170 6.72 9.23 -27.01
N VAL A 171 6.04 8.76 -25.97
CA VAL A 171 5.98 7.33 -25.68
C VAL A 171 5.16 6.60 -26.75
N ALA A 172 4.10 7.25 -27.24
CA ALA A 172 3.29 6.65 -28.30
C ALA A 172 4.14 6.35 -29.54
N GLU A 173 5.01 7.28 -29.91
CA GLU A 173 5.88 7.08 -31.08
C GLU A 173 6.83 5.91 -30.86
N GLU A 174 7.36 5.76 -29.65
CA GLU A 174 8.27 4.65 -29.39
CA GLU A 174 8.27 4.64 -29.39
C GLU A 174 7.53 3.31 -29.36
N ILE A 175 6.31 3.33 -28.81
CA ILE A 175 5.52 2.13 -28.78
C ILE A 175 5.26 1.66 -30.21
N ALA A 176 5.04 2.62 -31.11
CA ALA A 176 4.76 2.29 -32.50
C ALA A 176 5.97 1.61 -33.14
N ARG A 177 7.17 2.13 -32.86
CA ARG A 177 8.39 1.54 -33.40
CA ARG A 177 8.38 1.53 -33.41
C ARG A 177 8.55 0.08 -32.92
N LEU A 178 8.27 -0.15 -31.64
CA LEU A 178 8.40 -1.49 -31.07
C LEU A 178 7.39 -2.46 -31.66
N GLU A 179 6.12 -2.05 -31.70
CA GLU A 179 5.08 -2.95 -32.18
C GLU A 179 5.32 -3.32 -33.65
N ALA A 180 5.73 -2.35 -34.46
CA ALA A 180 5.95 -2.58 -35.88
C ALA A 180 7.06 -3.60 -36.06
N GLU A 181 8.06 -3.51 -35.20
CA GLU A 181 9.21 -4.42 -35.30
C GLU A 181 8.80 -5.81 -34.86
N VAL A 182 7.94 -5.88 -33.85
CA VAL A 182 7.41 -7.17 -33.40
C VAL A 182 6.60 -7.85 -34.52
N PHE A 183 5.74 -7.08 -35.19
CA PHE A 183 4.95 -7.63 -36.29
C PHE A 183 5.85 -8.07 -37.46
N ARG A 184 6.88 -7.28 -37.72
CA ARG A 184 7.84 -7.61 -38.77
C ARG A 184 8.50 -8.96 -38.46
N LEU A 185 8.85 -9.17 -37.20
CA LEU A 185 9.49 -10.42 -36.79
C LEU A 185 8.53 -11.61 -36.72
N ALA A 186 7.28 -11.34 -36.36
CA ALA A 186 6.26 -12.38 -36.34
C ALA A 186 5.86 -12.79 -37.76
N GLY A 187 6.00 -11.86 -38.70
CA GLY A 187 5.63 -12.11 -40.09
C GLY A 187 4.23 -11.60 -40.41
N HIS A 188 3.56 -11.04 -39.41
CA HIS A 188 2.18 -10.60 -39.57
C HIS A 188 1.79 -9.82 -38.32
N PRO A 189 0.81 -8.91 -38.46
CA PRO A 189 0.34 -8.20 -37.28
C PRO A 189 -0.60 -9.07 -36.44
N PHE A 190 -0.77 -8.71 -35.18
CA PHE A 190 -1.75 -9.33 -34.31
C PHE A 190 -1.95 -8.33 -33.18
N ASN A 191 -2.81 -8.64 -32.22
CA ASN A 191 -2.95 -7.75 -31.07
C ASN A 191 -1.88 -8.07 -30.04
N LEU A 192 -0.85 -7.23 -29.97
CA LEU A 192 0.27 -7.47 -29.06
C LEU A 192 -0.13 -7.29 -27.59
N ASN A 193 -1.28 -6.65 -27.35
CA ASN A 193 -1.81 -6.54 -25.99
C ASN A 193 -2.49 -7.81 -25.50
N SER A 194 -2.76 -8.73 -26.43
CA SER A 194 -3.42 -9.98 -26.07
C SER A 194 -2.40 -11.08 -25.77
N ARG A 195 -2.30 -11.50 -24.52
CA ARG A 195 -1.37 -12.56 -24.17
C ARG A 195 -1.74 -13.90 -24.82
N ASP A 196 -3.02 -14.13 -25.10
CA ASP A 196 -3.42 -15.33 -25.82
C ASP A 196 -2.88 -15.33 -27.24
N GLN A 197 -2.99 -14.21 -27.93
CA GLN A 197 -2.47 -14.13 -29.31
C GLN A 197 -0.95 -14.22 -29.32
N LEU A 198 -0.31 -13.58 -28.34
CA LEU A 198 1.14 -13.63 -28.24
C LEU A 198 1.64 -15.06 -27.95
N GLU A 199 0.94 -15.76 -27.07
CA GLU A 199 1.30 -17.15 -26.75
C GLU A 199 1.37 -17.97 -28.03
N ARG A 200 0.36 -17.83 -28.88
CA ARG A 200 0.29 -18.59 -30.11
C ARG A 200 1.44 -18.26 -31.05
N VAL A 201 1.77 -16.97 -31.15
CA VAL A 201 2.89 -16.54 -31.97
C VAL A 201 4.24 -17.07 -31.47
N LEU A 202 4.46 -16.97 -30.16
CA LEU A 202 5.76 -17.34 -29.61
C LEU A 202 5.95 -18.85 -29.64
N PHE A 203 4.93 -19.57 -29.23
CA PHE A 203 5.09 -20.99 -28.95
C PHE A 203 4.58 -21.92 -30.04
N ASP A 204 3.60 -21.47 -30.82
CA ASP A 204 3.09 -22.25 -31.95
C ASP A 204 3.70 -21.84 -33.29
N GLU A 205 3.88 -20.55 -33.51
CA GLU A 205 4.40 -20.09 -34.80
C GLU A 205 5.92 -20.03 -34.87
N LEU A 206 6.54 -19.40 -33.88
CA LEU A 206 8.00 -19.27 -33.84
C LEU A 206 8.65 -20.48 -33.19
N GLY A 207 7.85 -21.30 -32.54
CA GLY A 207 8.33 -22.54 -31.96
C GLY A 207 9.36 -22.33 -30.85
N LEU A 208 9.21 -21.26 -30.08
CA LEU A 208 10.07 -21.07 -28.91
C LEU A 208 9.64 -22.05 -27.84
N PRO A 209 10.56 -22.47 -26.96
CA PRO A 209 10.18 -23.42 -25.91
C PRO A 209 9.34 -22.76 -24.83
N ALA A 210 8.23 -23.38 -24.45
CA ALA A 210 7.43 -22.89 -23.34
C ALA A 210 8.25 -23.10 -22.08
N ILE A 211 8.11 -22.19 -21.14
CA ILE A 211 8.97 -22.23 -19.96
C ILE A 211 8.15 -22.42 -18.70
N GLY A 212 6.98 -21.79 -18.66
CA GLY A 212 6.11 -21.92 -17.49
C GLY A 212 4.64 -21.86 -17.88
N LYS A 213 3.77 -22.24 -16.95
CA LYS A 213 2.34 -22.25 -17.18
C LYS A 213 1.62 -21.25 -16.28
N THR A 214 0.47 -20.78 -16.73
CA THR A 214 -0.31 -19.82 -15.94
C THR A 214 -1.09 -20.58 -14.87
N GLU A 215 -1.50 -19.86 -13.83
CA GLU A 215 -2.03 -20.50 -12.63
C GLU A 215 -3.38 -21.18 -12.81
N LYS A 216 -4.39 -20.41 -13.21
CA LYS A 216 -5.78 -20.88 -13.19
C LYS A 216 -6.16 -21.72 -14.41
N THR A 217 -5.58 -21.43 -15.56
CA THR A 217 -6.02 -22.06 -16.79
C THR A 217 -4.91 -22.85 -17.52
N GLY A 218 -3.69 -22.80 -17.00
CA GLY A 218 -2.64 -23.65 -17.54
C GLY A 218 -2.18 -23.33 -18.95
N LYS A 219 -2.34 -22.08 -19.36
CA LYS A 219 -1.82 -21.64 -20.64
C LYS A 219 -0.30 -21.49 -20.54
N ARG A 220 0.38 -21.50 -21.68
CA ARG A 220 1.81 -21.24 -21.71
C ARG A 220 2.02 -19.76 -21.41
N SER A 221 2.74 -19.48 -20.32
CA SER A 221 2.90 -18.12 -19.83
C SER A 221 3.75 -17.25 -20.76
N THR A 222 3.38 -15.98 -20.87
CA THR A 222 4.21 -15.01 -21.57
C THR A 222 4.69 -13.93 -20.61
N SER A 223 4.78 -14.25 -19.33
CA SER A 223 5.20 -13.26 -18.33
C SER A 223 6.62 -12.75 -18.57
N ALA A 224 6.93 -11.59 -18.00
CA ALA A 224 8.28 -11.03 -18.11
C ALA A 224 9.38 -12.02 -17.71
N ALA A 225 9.14 -12.81 -16.66
CA ALA A 225 10.12 -13.82 -16.26
C ALA A 225 10.37 -14.87 -17.35
N VAL A 226 9.31 -15.32 -18.00
CA VAL A 226 9.45 -16.27 -19.12
C VAL A 226 10.19 -15.60 -20.29
N LEU A 227 9.79 -14.38 -20.62
CA LEU A 227 10.44 -13.66 -21.72
C LEU A 227 11.93 -13.43 -21.42
N GLU A 228 12.25 -13.09 -20.17
CA GLU A 228 13.64 -12.94 -19.77
C GLU A 228 14.46 -14.18 -20.10
N ALA A 229 13.93 -15.34 -19.71
CA ALA A 229 14.61 -16.59 -19.97
C ALA A 229 14.72 -16.92 -21.48
N LEU A 230 13.89 -16.26 -22.30
CA LEU A 230 13.88 -16.51 -23.74
C LEU A 230 14.58 -15.42 -24.49
N ARG A 231 15.18 -14.48 -23.76
CA ARG A 231 15.76 -13.28 -24.34
C ARG A 231 16.75 -13.55 -25.48
N GLU A 232 17.44 -14.68 -25.42
CA GLU A 232 18.46 -15.00 -26.41
C GLU A 232 17.98 -16.01 -27.45
N ALA A 233 16.75 -16.49 -27.29
CA ALA A 233 16.19 -17.47 -28.21
C ALA A 233 15.70 -16.85 -29.52
N HIS A 234 15.26 -15.61 -29.47
CA HIS A 234 14.71 -14.94 -30.65
C HIS A 234 14.69 -13.43 -30.44
N PRO A 235 15.05 -12.66 -31.48
CA PRO A 235 15.13 -11.20 -31.36
C PRO A 235 13.79 -10.54 -31.02
N ILE A 236 12.67 -11.23 -31.26
CA ILE A 236 11.37 -10.66 -30.98
C ILE A 236 11.14 -10.46 -29.48
N VAL A 237 11.84 -11.25 -28.68
CA VAL A 237 11.57 -11.28 -27.25
C VAL A 237 11.92 -9.98 -26.54
N GLU A 238 13.11 -9.45 -26.80
CA GLU A 238 13.52 -8.19 -26.18
C GLU A 238 12.56 -7.07 -26.59
N LYS A 239 12.13 -7.10 -27.84
CA LYS A 239 11.22 -6.09 -28.35
C LYS A 239 9.90 -6.14 -27.61
N ILE A 240 9.44 -7.36 -27.33
CA ILE A 240 8.21 -7.53 -26.57
C ILE A 240 8.35 -6.98 -25.14
N LEU A 241 9.49 -7.25 -24.51
CA LEU A 241 9.75 -6.74 -23.16
C LEU A 241 9.69 -5.21 -23.10
N GLN A 242 10.26 -4.57 -24.12
CA GLN A 242 10.27 -3.11 -24.17
C GLN A 242 8.86 -2.59 -24.41
N TYR A 243 8.12 -3.27 -25.28
CA TYR A 243 6.74 -2.88 -25.58
C TYR A 243 5.90 -2.99 -24.31
N ARG A 244 6.10 -4.09 -23.57
CA ARG A 244 5.36 -4.30 -22.33
C ARG A 244 5.63 -3.18 -21.32
N GLU A 245 6.89 -2.79 -21.19
CA GLU A 245 7.23 -1.74 -20.22
C GLU A 245 6.57 -0.42 -20.58
N LEU A 246 6.65 -0.05 -21.85
CA LEU A 246 6.10 1.24 -22.27
C LEU A 246 4.57 1.28 -22.21
N THR A 247 3.92 0.19 -22.61
CA THR A 247 2.46 0.20 -22.66
C THR A 247 1.90 0.16 -21.24
N LYS A 248 2.59 -0.55 -20.36
CA LYS A 248 2.17 -0.60 -18.96
C LYS A 248 2.17 0.81 -18.39
N LEU A 249 3.26 1.54 -18.62
CA LEU A 249 3.39 2.88 -18.01
C LEU A 249 2.44 3.88 -18.65
N LYS A 250 2.27 3.79 -19.97
CA LYS A 250 1.36 4.69 -20.66
C LYS A 250 -0.12 4.46 -20.29
N SER A 251 -0.58 3.21 -20.32
CA SER A 251 -1.98 2.91 -20.10
C SER A 251 -2.40 3.10 -18.63
N THR A 252 -1.44 2.99 -17.73
CA THR A 252 -1.75 3.00 -16.30
C THR A 252 -1.49 4.35 -15.62
N TYR A 253 -0.50 5.10 -16.12
CA TYR A 253 -0.14 6.35 -15.45
C TYR A 253 -0.18 7.55 -16.38
N ILE A 254 0.53 7.47 -17.50
CA ILE A 254 0.68 8.66 -18.33
C ILE A 254 -0.65 9.18 -18.86
N ASP A 255 -1.49 8.27 -19.33
CA ASP A 255 -2.77 8.65 -19.92
C ASP A 255 -3.91 8.92 -18.90
N PRO A 256 -4.13 8.00 -17.93
CA PRO A 256 -5.25 8.23 -17.01
C PRO A 256 -5.07 9.38 -16.01
N LEU A 257 -3.88 9.55 -15.45
CA LEU A 257 -3.70 10.54 -14.38
C LEU A 257 -4.12 11.98 -14.72
N PRO A 258 -3.72 12.50 -15.90
CA PRO A 258 -4.11 13.89 -16.20
C PRO A 258 -5.62 14.13 -16.20
N ASP A 259 -6.42 13.11 -16.47
CA ASP A 259 -7.86 13.26 -16.54
C ASP A 259 -8.53 13.18 -15.16
N LEU A 260 -7.73 12.97 -14.12
CA LEU A 260 -8.28 12.82 -12.78
C LEU A 260 -8.08 14.04 -11.90
N ILE A 261 -7.63 15.13 -12.49
CA ILE A 261 -7.45 16.35 -11.72
C ILE A 261 -8.81 16.88 -11.32
N HIS A 262 -8.98 17.19 -10.03
CA HIS A 262 -10.25 17.70 -9.55
C HIS A 262 -10.44 19.16 -9.99
N PRO A 263 -11.63 19.50 -10.48
CA PRO A 263 -11.89 20.86 -10.99
C PRO A 263 -11.77 21.94 -9.92
N ARG A 264 -12.15 21.65 -8.69
CA ARG A 264 -12.11 22.65 -7.62
C ARG A 264 -10.70 22.84 -7.07
N THR A 265 -10.05 21.75 -6.71
CA THR A 265 -8.77 21.81 -6.02
C THR A 265 -7.61 21.95 -6.98
N GLY A 266 -7.83 21.51 -8.22
CA GLY A 266 -6.75 21.44 -9.19
C GLY A 266 -5.71 20.39 -8.87
N ARG A 267 -6.07 19.42 -8.04
CA ARG A 267 -5.12 18.39 -7.62
C ARG A 267 -5.66 16.99 -7.82
N LEU A 268 -4.81 16.00 -7.58
CA LEU A 268 -5.12 14.59 -7.70
C LEU A 268 -5.46 14.03 -6.32
N HIS A 269 -6.59 13.35 -6.18
CA HIS A 269 -7.00 12.85 -4.86
C HIS A 269 -7.21 11.35 -4.78
N THR A 270 -6.36 10.67 -4.03
CA THR A 270 -6.51 9.22 -3.87
C THR A 270 -7.40 8.92 -2.68
N ARG A 271 -7.70 7.64 -2.51
CA ARG A 271 -8.42 7.14 -1.33
C ARG A 271 -7.48 6.25 -0.57
N PHE A 272 -7.35 6.48 0.73
CA PHE A 272 -6.53 5.62 1.58
C PHE A 272 -7.43 4.66 2.33
N ASN A 273 -7.46 3.42 1.84
CA ASN A 273 -8.36 2.42 2.38
C ASN A 273 -7.77 1.82 3.65
N GLN A 274 -8.56 1.88 4.72
CA GLN A 274 -8.04 1.56 6.03
C GLN A 274 -8.38 0.12 6.45
N THR A 275 -9.32 -0.52 5.76
CA THR A 275 -9.68 -1.88 6.13
C THR A 275 -9.62 -2.78 4.90
N ALA A 276 -8.47 -2.80 4.25
CA ALA A 276 -8.37 -3.47 2.96
C ALA A 276 -7.31 -4.57 2.86
N THR A 277 -6.42 -4.69 3.83
CA THR A 277 -5.33 -5.69 3.73
C THR A 277 -5.29 -6.67 4.89
N ALA A 278 -4.74 -7.85 4.63
CA ALA A 278 -4.67 -8.92 5.63
C ALA A 278 -3.64 -8.66 6.71
N THR A 279 -2.74 -7.69 6.48
CA THR A 279 -1.60 -7.48 7.37
C THR A 279 -1.67 -6.22 8.21
N GLY A 280 -2.58 -5.31 7.85
CA GLY A 280 -2.65 -4.04 8.56
C GLY A 280 -2.06 -2.90 7.76
N ARG A 281 -1.51 -3.18 6.58
CA ARG A 281 -1.12 -2.08 5.68
C ARG A 281 -2.36 -1.30 5.23
N LEU A 282 -2.15 -0.02 4.89
CA LEU A 282 -3.15 0.70 4.10
C LEU A 282 -3.11 0.23 2.66
N SER A 283 -4.15 0.57 1.89
CA SER A 283 -4.02 0.54 0.45
C SER A 283 -4.48 1.87 -0.09
N SER A 284 -4.28 2.08 -1.39
CA SER A 284 -4.61 3.35 -2.02
C SER A 284 -5.31 3.03 -3.34
N SER A 285 -6.38 3.74 -3.65
CA SER A 285 -7.12 3.44 -4.88
C SER A 285 -7.79 4.68 -5.47
N ASP A 286 -8.18 4.57 -6.75
CA ASP A 286 -9.00 5.59 -7.39
C ASP A 286 -8.46 7.03 -7.41
N PRO A 287 -7.20 7.22 -7.83
CA PRO A 287 -6.21 6.28 -8.36
C PRO A 287 -5.30 5.73 -7.26
N ASN A 288 -4.66 4.60 -7.53
CA ASN A 288 -3.64 4.10 -6.64
C ASN A 288 -2.41 4.99 -6.77
N LEU A 289 -2.05 5.67 -5.70
CA LEU A 289 -0.84 6.50 -5.70
C LEU A 289 0.29 5.85 -4.88
N GLN A 290 0.07 4.62 -4.44
CA GLN A 290 1.13 3.86 -3.79
C GLN A 290 1.93 3.01 -4.79
N ASN A 291 1.59 3.11 -6.08
CA ASN A 291 2.35 2.36 -7.07
C ASN A 291 2.82 3.19 -8.26
N ILE A 292 3.13 4.46 -7.99
CA ILE A 292 3.65 5.32 -9.05
C ILE A 292 5.07 4.86 -9.41
N PRO A 293 5.37 4.74 -10.70
CA PRO A 293 6.65 4.17 -11.13
C PRO A 293 7.87 4.91 -10.57
N VAL A 294 8.97 4.18 -10.44
CA VAL A 294 10.20 4.77 -9.92
C VAL A 294 11.45 3.93 -10.23
N ARG A 295 11.25 2.65 -10.55
CA ARG A 295 12.40 1.73 -10.65
C ARG A 295 13.15 1.74 -11.98
N THR A 296 12.52 2.22 -13.05
CA THR A 296 13.19 2.29 -14.37
C THR A 296 13.27 3.75 -14.83
N PRO A 297 14.10 4.04 -15.86
CA PRO A 297 14.20 5.40 -16.39
C PRO A 297 12.88 6.05 -16.76
N LEU A 298 12.05 5.39 -17.55
CA LEU A 298 10.77 5.99 -17.91
C LEU A 298 9.89 6.14 -16.70
N GLY A 299 9.95 5.16 -15.81
CA GLY A 299 9.19 5.26 -14.59
C GLY A 299 9.58 6.49 -13.78
N GLN A 300 10.88 6.76 -13.72
CA GLN A 300 11.34 7.94 -13.01
C GLN A 300 10.80 9.22 -13.64
N ARG A 301 10.67 9.21 -14.96
CA ARG A 301 10.13 10.38 -15.67
C ARG A 301 8.69 10.64 -15.25
N ILE A 302 7.97 9.57 -14.92
CA ILE A 302 6.58 9.72 -14.54
C ILE A 302 6.48 10.26 -13.14
N ARG A 303 7.36 9.78 -12.26
CA ARG A 303 7.32 10.22 -10.89
C ARG A 303 7.61 11.71 -10.76
N ARG A 304 8.36 12.24 -11.72
CA ARG A 304 8.66 13.67 -11.76
C ARG A 304 7.44 14.58 -11.94
N ALA A 305 6.32 14.00 -12.36
CA ALA A 305 5.10 14.77 -12.59
C ALA A 305 4.42 15.16 -11.29
N PHE A 306 4.82 14.52 -10.20
CA PHE A 306 4.25 14.78 -8.89
C PHE A 306 5.07 15.89 -8.24
N ILE A 307 4.47 17.07 -8.14
CA ILE A 307 5.20 18.29 -7.77
C ILE A 307 4.57 19.03 -6.58
N ALA A 308 5.32 19.95 -5.99
CA ALA A 308 4.80 20.76 -4.90
C ALA A 308 4.04 22.00 -5.43
N GLU A 309 3.15 22.52 -4.60
CA GLU A 309 2.53 23.82 -4.88
CA GLU A 309 2.53 23.82 -4.88
C GLU A 309 3.62 24.87 -5.03
N GLU A 310 3.37 25.89 -5.86
CA GLU A 310 4.35 26.95 -5.99
C GLU A 310 4.59 27.62 -4.65
N GLY A 311 5.86 27.79 -4.31
CA GLY A 311 6.25 28.39 -3.04
C GLY A 311 6.40 27.35 -1.94
N TRP A 312 6.14 26.09 -2.30
CA TRP A 312 6.24 24.98 -1.36
C TRP A 312 7.26 23.96 -1.87
N LEU A 313 7.61 22.99 -1.03
CA LEU A 313 8.49 21.90 -1.42
C LEU A 313 7.90 20.58 -0.94
N LEU A 314 8.22 19.49 -1.64
CA LEU A 314 7.89 18.17 -1.12
C LEU A 314 8.99 17.68 -0.19
N VAL A 315 8.58 16.94 0.84
CA VAL A 315 9.52 16.32 1.76
C VAL A 315 9.14 14.84 1.79
N ALA A 316 10.09 13.98 1.44
CA ALA A 316 9.83 12.55 1.39
C ALA A 316 10.69 11.85 2.41
N LEU A 317 10.08 11.01 3.25
CA LEU A 317 10.82 10.32 4.32
C LEU A 317 10.57 8.84 4.19
N ASP A 318 11.62 8.02 4.23
CA ASP A 318 11.45 6.59 3.98
C ASP A 318 12.25 5.81 5.02
N TYR A 319 11.60 4.89 5.73
CA TYR A 319 12.32 4.10 6.74
C TYR A 319 13.39 3.24 6.11
N SER A 320 14.58 3.23 6.70
CA SER A 320 15.68 2.41 6.22
C SER A 320 15.49 0.92 6.57
N GLN A 321 15.60 0.05 5.56
CA GLN A 321 15.62 -1.40 5.76
C GLN A 321 14.52 -1.88 6.72
N ILE A 322 13.32 -1.33 6.58
CA ILE A 322 12.39 -1.34 7.71
C ILE A 322 11.97 -2.74 8.15
N GLU A 323 11.67 -3.64 7.21
CA GLU A 323 11.22 -4.94 7.68
C GLU A 323 12.34 -5.79 8.27
N LEU A 324 13.58 -5.50 7.89
CA LEU A 324 14.72 -6.19 8.50
C LEU A 324 14.94 -5.72 9.94
N ARG A 325 14.74 -4.44 10.19
CA ARG A 325 14.87 -3.90 11.53
C ARG A 325 13.78 -4.48 12.42
N VAL A 326 12.57 -4.55 11.87
CA VAL A 326 11.44 -5.13 12.60
C VAL A 326 11.70 -6.59 12.91
N LEU A 327 12.25 -7.30 11.93
CA LEU A 327 12.59 -8.72 12.11
C LEU A 327 13.64 -8.88 13.22
N ALA A 328 14.60 -7.97 13.29
CA ALA A 328 15.60 -8.02 14.36
C ALA A 328 14.92 -7.98 15.72
N HIS A 329 13.96 -7.09 15.86
CA HIS A 329 13.26 -6.91 17.12
C HIS A 329 12.39 -8.13 17.47
N LEU A 330 11.59 -8.58 16.51
CA LEU A 330 10.69 -9.71 16.75
C LEU A 330 11.43 -11.01 17.05
N SER A 331 12.51 -11.27 16.31
CA SER A 331 13.21 -12.54 16.44
C SER A 331 14.22 -12.50 17.56
N GLY A 332 14.70 -11.30 17.86
CA GLY A 332 15.73 -11.13 18.87
C GLY A 332 17.06 -11.72 18.45
N ASP A 333 17.28 -11.88 17.13
CA ASP A 333 18.55 -12.41 16.66
C ASP A 333 19.72 -11.46 16.93
N GLU A 334 20.70 -11.93 17.71
CA GLU A 334 21.79 -11.07 18.15
C GLU A 334 22.59 -10.50 16.98
N ASN A 335 22.84 -11.34 15.98
CA ASN A 335 23.60 -10.92 14.80
C ASN A 335 22.87 -9.85 14.01
N LEU A 336 21.57 -10.03 13.85
CA LEU A 336 20.74 -9.07 13.13
C LEU A 336 20.65 -7.76 13.91
N ILE A 337 20.48 -7.88 15.22
CA ILE A 337 20.50 -6.69 16.07
C ILE A 337 21.84 -5.96 15.95
N ARG A 338 22.93 -6.72 15.94
CA ARG A 338 24.25 -6.14 15.86
C ARG A 338 24.46 -5.36 14.56
N VAL A 339 23.93 -5.90 13.46
CA VAL A 339 24.01 -5.22 12.16
C VAL A 339 23.52 -3.78 12.28
N PHE A 340 22.37 -3.61 12.90
CA PHE A 340 21.76 -2.29 13.00
C PHE A 340 22.37 -1.42 14.09
N GLN A 341 22.86 -2.02 15.18
CA GLN A 341 23.58 -1.27 16.20
CA GLN A 341 23.56 -1.26 16.20
C GLN A 341 24.87 -0.70 15.63
N GLU A 342 25.44 -1.40 14.64
CA GLU A 342 26.70 -0.97 14.04
C GLU A 342 26.49 -0.07 12.81
N GLY A 343 25.23 0.19 12.46
CA GLY A 343 24.93 1.06 11.35
C GLY A 343 25.21 0.45 9.99
N ARG A 344 25.17 -0.89 9.92
CA ARG A 344 25.39 -1.60 8.66
C ARG A 344 24.15 -1.67 7.77
N ASP A 345 24.34 -2.14 6.54
CA ASP A 345 23.27 -2.14 5.56
C ASP A 345 23.24 -3.48 4.82
N ILE A 346 22.19 -4.26 5.07
CA ILE A 346 22.05 -5.59 4.50
C ILE A 346 21.77 -5.56 3.00
N HIS A 347 21.04 -4.53 2.55
CA HIS A 347 20.84 -4.35 1.11
C HIS A 347 22.18 -4.11 0.41
N THR A 348 23.02 -3.26 1.00
CA THR A 348 24.32 -2.98 0.41
C THR A 348 25.19 -4.24 0.42
N GLU A 349 25.12 -5.00 1.50
CA GLU A 349 25.94 -6.20 1.63
C GLU A 349 25.56 -7.28 0.62
N THR A 350 24.27 -7.47 0.42
CA THR A 350 23.82 -8.44 -0.57
C THR A 350 24.20 -7.96 -1.98
N ALA A 351 24.11 -6.66 -2.21
CA ALA A 351 24.50 -6.11 -3.51
C ALA A 351 25.97 -6.35 -3.76
N SER A 352 26.77 -6.29 -2.71
CA SER A 352 28.21 -6.51 -2.85
C SER A 352 28.47 -7.90 -3.42
N TRP A 353 27.76 -8.89 -2.87
CA TRP A 353 27.85 -10.26 -3.34
C TRP A 353 27.29 -10.44 -4.74
N MET A 354 26.11 -9.85 -4.99
CA MET A 354 25.47 -9.95 -6.29
C MET A 354 26.35 -9.48 -7.44
N PHE A 355 26.99 -8.33 -7.25
CA PHE A 355 27.75 -7.70 -8.33
C PHE A 355 29.25 -7.96 -8.22
N GLY A 356 29.64 -8.68 -7.18
CA GLY A 356 31.02 -9.07 -7.00
C GLY A 356 31.94 -7.87 -6.81
N VAL A 357 31.45 -6.87 -6.11
CA VAL A 357 32.22 -5.66 -5.85
C VAL A 357 32.30 -5.45 -4.35
N PRO A 358 33.35 -4.75 -3.87
CA PRO A 358 33.41 -4.44 -2.45
C PRO A 358 32.28 -3.49 -2.06
N ARG A 359 31.89 -3.49 -0.78
CA ARG A 359 30.77 -2.68 -0.31
C ARG A 359 30.91 -1.23 -0.70
N GLU A 360 32.14 -0.75 -0.70
CA GLU A 360 32.44 0.64 -1.01
C GLU A 360 32.06 0.98 -2.45
N ALA A 361 32.08 -0.02 -3.33
CA ALA A 361 31.81 0.19 -4.74
C ALA A 361 30.35 0.02 -5.13
N VAL A 362 29.52 -0.40 -4.18
CA VAL A 362 28.10 -0.60 -4.45
C VAL A 362 27.41 0.74 -4.70
N ASP A 363 26.87 0.92 -5.90
CA ASP A 363 26.18 2.15 -6.24
C ASP A 363 24.70 2.02 -5.85
N PRO A 364 23.95 3.14 -5.82
CA PRO A 364 22.55 3.04 -5.40
C PRO A 364 21.73 2.06 -6.24
N LEU A 365 22.05 1.97 -7.54
CA LEU A 365 21.34 1.06 -8.42
C LEU A 365 21.55 -0.39 -7.98
N MET A 366 22.78 -0.73 -7.63
CA MET A 366 23.11 -2.09 -7.16
C MET A 366 22.37 -2.42 -5.87
N ARG A 367 22.41 -1.49 -4.92
CA ARG A 367 21.76 -1.66 -3.63
C ARG A 367 20.27 -1.96 -3.80
N ARG A 368 19.63 -1.21 -4.70
CA ARG A 368 18.21 -1.35 -4.91
C ARG A 368 17.84 -2.67 -5.54
N ALA A 369 18.70 -3.16 -6.43
CA ALA A 369 18.50 -4.48 -7.03
C ALA A 369 18.56 -5.57 -5.97
N ALA A 370 19.31 -5.34 -4.90
CA ALA A 370 19.44 -6.34 -3.84
C ALA A 370 18.19 -6.47 -2.98
N LYS A 371 17.29 -5.48 -3.05
CA LYS A 371 16.15 -5.46 -2.14
C LYS A 371 15.17 -6.60 -2.37
N THR A 372 14.78 -6.82 -3.63
CA THR A 372 13.86 -7.90 -3.92
C THR A 372 14.52 -9.23 -3.59
N ILE A 373 15.83 -9.30 -3.76
CA ILE A 373 16.56 -10.52 -3.40
C ILE A 373 16.49 -10.77 -1.90
N ASN A 374 16.79 -9.75 -1.10
CA ASN A 374 16.78 -9.92 0.35
C ASN A 374 15.40 -10.29 0.89
N PHE A 375 14.35 -9.64 0.41
CA PHE A 375 13.01 -9.96 0.91
C PHE A 375 12.48 -11.24 0.30
N GLY A 376 12.78 -11.48 -0.97
CA GLY A 376 12.45 -12.75 -1.59
C GLY A 376 12.99 -13.92 -0.77
N VAL A 377 14.29 -13.88 -0.47
CA VAL A 377 14.94 -14.95 0.27
C VAL A 377 14.34 -15.11 1.67
N LEU A 378 14.14 -13.97 2.35
CA LEU A 378 13.59 -13.99 3.72
C LEU A 378 12.25 -14.68 3.77
N TYR A 379 11.39 -14.37 2.80
CA TYR A 379 10.01 -14.85 2.85
C TYR A 379 9.77 -16.15 2.06
N GLY A 380 10.85 -16.81 1.64
CA GLY A 380 10.75 -18.19 1.22
C GLY A 380 10.97 -18.52 -0.24
N MET A 381 11.56 -17.59 -1.01
CA MET A 381 11.81 -17.85 -2.42
C MET A 381 12.69 -19.08 -2.63
N SER A 382 12.45 -19.77 -3.74
CA SER A 382 13.16 -21.00 -4.05
C SER A 382 14.54 -20.72 -4.63
N ALA A 383 15.44 -21.69 -4.47
CA ALA A 383 16.76 -21.59 -5.09
C ALA A 383 16.63 -21.53 -6.60
N HIS A 384 15.64 -22.24 -7.15
CA HIS A 384 15.45 -22.26 -8.59
C HIS A 384 15.19 -20.84 -9.10
N ARG A 385 14.28 -20.15 -8.44
CA ARG A 385 13.92 -18.79 -8.85
C ARG A 385 15.10 -17.85 -8.69
N LEU A 386 15.78 -17.95 -7.56
CA LEU A 386 16.92 -17.09 -7.29
C LEU A 386 18.00 -17.30 -8.33
N SER A 387 18.28 -18.55 -8.65
CA SER A 387 19.30 -18.85 -9.66
C SER A 387 18.91 -18.29 -11.03
N GLN A 388 17.62 -18.38 -11.37
CA GLN A 388 17.13 -17.88 -12.65
C GLN A 388 17.24 -16.37 -12.71
N GLU A 389 16.76 -15.71 -11.65
CA GLU A 389 16.74 -14.26 -11.61
C GLU A 389 18.13 -13.65 -11.62
N LEU A 390 19.10 -14.36 -11.05
CA LEU A 390 20.47 -13.84 -10.96
C LEU A 390 21.39 -14.40 -12.03
N ALA A 391 20.87 -15.33 -12.83
CA ALA A 391 21.68 -16.07 -13.79
C ALA A 391 22.95 -16.68 -13.17
N ILE A 392 22.77 -17.35 -12.03
CA ILE A 392 23.87 -18.05 -11.38
C ILE A 392 23.51 -19.53 -11.27
N PRO A 393 24.49 -20.41 -11.01
CA PRO A 393 24.15 -21.82 -10.86
C PRO A 393 23.21 -22.05 -9.68
N TYR A 394 22.34 -23.04 -9.84
CA TYR A 394 21.39 -23.44 -8.80
C TYR A 394 22.09 -23.61 -7.46
N GLU A 395 23.23 -24.30 -7.51
CA GLU A 395 24.05 -24.56 -6.32
C GLU A 395 24.48 -23.28 -5.59
N GLU A 396 24.79 -22.23 -6.35
CA GLU A 396 25.20 -20.96 -5.74
C GLU A 396 24.02 -20.23 -5.10
N ALA A 397 22.85 -20.34 -5.71
CA ALA A 397 21.64 -19.77 -5.13
C ALA A 397 21.26 -20.49 -3.84
N GLN A 398 21.39 -21.81 -3.85
CA GLN A 398 21.14 -22.63 -2.68
C GLN A 398 22.07 -22.20 -1.55
N ALA A 399 23.35 -22.03 -1.86
CA ALA A 399 24.35 -21.61 -0.88
C ALA A 399 24.05 -20.25 -0.29
N PHE A 400 23.64 -19.30 -1.13
CA PHE A 400 23.30 -17.97 -0.66
C PHE A 400 22.17 -18.03 0.36
N ILE A 401 21.14 -18.81 0.05
CA ILE A 401 20.00 -18.94 0.95
C ILE A 401 20.40 -19.57 2.29
N GLU A 402 21.21 -20.62 2.24
CA GLU A 402 21.73 -21.25 3.46
C GLU A 402 22.51 -20.26 4.32
N ARG A 403 23.42 -19.52 3.69
CA ARG A 403 24.28 -18.58 4.43
C ARG A 403 23.47 -17.45 5.07
N TYR A 404 22.45 -17.00 4.34
CA TYR A 404 21.59 -15.90 4.75
C TYR A 404 20.96 -16.23 6.08
N PHE A 405 20.40 -17.43 6.18
CA PHE A 405 19.76 -17.83 7.43
C PHE A 405 20.75 -18.27 8.49
N GLN A 406 21.87 -18.85 8.06
CA GLN A 406 22.94 -19.19 8.99
C GLN A 406 23.51 -17.92 9.63
N SER A 407 23.47 -16.81 8.89
CA SER A 407 23.98 -15.53 9.37
C SER A 407 23.10 -14.99 10.50
N PHE A 408 21.82 -15.31 10.44
CA PHE A 408 20.86 -14.83 11.42
C PHE A 408 20.05 -15.98 11.96
N PRO A 409 20.70 -16.84 12.75
CA PRO A 409 20.17 -18.16 13.13
C PRO A 409 18.87 -18.15 13.93
N LYS A 410 18.58 -17.06 14.64
CA LYS A 410 17.33 -17.00 15.39
C LYS A 410 16.13 -16.65 14.52
N VAL A 411 16.38 -16.29 13.27
CA VAL A 411 15.28 -16.00 12.36
C VAL A 411 14.43 -17.24 12.08
N ARG A 412 15.07 -18.35 11.68
N ARG A 412 15.06 -18.35 11.69
CA ARG A 412 14.33 -19.60 11.46
CA ARG A 412 14.32 -19.58 11.45
C ARG A 412 13.60 -20.04 12.73
C ARG A 412 13.61 -20.06 12.73
N ALA A 413 14.25 -19.85 13.87
CA ALA A 413 13.66 -20.21 15.16
C ALA A 413 12.39 -19.38 15.40
N TRP A 414 12.47 -18.09 15.10
CA TRP A 414 11.30 -17.22 15.23
C TRP A 414 10.19 -17.65 14.26
N ILE A 415 10.56 -18.01 13.04
CA ILE A 415 9.58 -18.44 12.04
C ILE A 415 8.84 -19.70 12.53
N GLU A 416 9.60 -20.68 13.00
CA GLU A 416 9.00 -21.92 13.48
C GLU A 416 8.08 -21.70 14.69
N LYS A 417 8.50 -20.84 15.61
CA LYS A 417 7.68 -20.53 16.78
C LYS A 417 6.38 -19.86 16.35
N THR A 418 6.51 -18.92 15.41
CA THR A 418 5.35 -18.21 14.88
C THR A 418 4.33 -19.14 14.24
N LEU A 419 4.82 -20.09 13.44
CA LEU A 419 3.94 -21.05 12.78
C LEU A 419 3.28 -22.02 13.76
N GLU A 420 4.02 -22.45 14.77
CA GLU A 420 3.46 -23.37 15.75
C GLU A 420 2.34 -22.70 16.51
N GLU A 421 2.59 -21.45 16.93
CA GLU A 421 1.61 -20.70 17.68
C GLU A 421 0.40 -20.40 16.80
N GLY A 422 0.65 -20.15 15.51
CA GLY A 422 -0.43 -19.91 14.57
C GLY A 422 -1.30 -21.13 14.34
N ARG A 423 -0.70 -22.32 14.35
CA ARG A 423 -1.47 -23.56 14.21
C ARG A 423 -2.36 -23.76 15.43
N ARG A 424 -1.83 -23.43 16.60
CA ARG A 424 -2.55 -23.65 17.85
C ARG A 424 -3.69 -22.65 18.07
N ARG A 425 -3.37 -21.37 17.89
CA ARG A 425 -4.34 -20.30 18.13
C ARG A 425 -5.25 -20.03 16.93
N GLY A 426 -4.77 -20.33 15.72
CA GLY A 426 -5.54 -20.05 14.53
C GLY A 426 -5.21 -18.71 13.88
N TYR A 427 -4.40 -17.91 14.58
CA TYR A 427 -4.00 -16.62 14.05
C TYR A 427 -2.57 -16.30 14.43
N VAL A 428 -1.96 -15.37 13.69
CA VAL A 428 -0.65 -14.82 14.03
C VAL A 428 -0.85 -13.34 14.34
N GLU A 429 0.15 -12.69 14.92
CA GLU A 429 -0.06 -11.32 15.39
C GLU A 429 1.18 -10.44 15.27
N THR A 430 0.96 -9.14 15.14
CA THR A 430 2.05 -8.18 15.12
C THR A 430 2.51 -7.88 16.54
N LEU A 431 3.53 -7.04 16.63
CA LEU A 431 4.11 -6.62 17.91
C LEU A 431 3.04 -5.99 18.80
N PHE A 432 2.12 -5.26 18.18
CA PHE A 432 1.07 -4.58 18.90
C PHE A 432 -0.18 -5.43 19.08
N GLY A 433 -0.15 -6.65 18.54
CA GLY A 433 -1.24 -7.59 18.73
C GLY A 433 -2.31 -7.55 17.64
N ARG A 434 -2.01 -6.94 16.51
CA ARG A 434 -2.93 -6.98 15.38
C ARG A 434 -2.95 -8.42 14.90
N ARG A 435 -4.13 -8.97 14.62
CA ARG A 435 -4.26 -10.40 14.30
C ARG A 435 -4.56 -10.67 12.83
N ARG A 436 -4.11 -11.83 12.34
CA ARG A 436 -4.55 -12.35 11.05
C ARG A 436 -4.85 -13.83 11.21
N TYR A 437 -6.06 -14.24 10.87
CA TYR A 437 -6.41 -15.65 10.99
C TYR A 437 -5.90 -16.42 9.77
N VAL A 438 -5.25 -17.55 10.02
CA VAL A 438 -4.68 -18.35 8.94
C VAL A 438 -5.01 -19.83 9.17
N PRO A 439 -6.26 -20.20 8.87
CA PRO A 439 -6.71 -21.57 9.13
C PRO A 439 -5.96 -22.60 8.28
N ASP A 440 -5.49 -22.20 7.10
CA ASP A 440 -4.83 -23.16 6.21
C ASP A 440 -3.45 -23.62 6.68
N LEU A 441 -3.00 -23.11 7.82
CA LEU A 441 -1.81 -23.68 8.47
C LEU A 441 -2.01 -25.15 8.79
N GLU A 442 -3.27 -25.56 8.88
CA GLU A 442 -3.65 -26.91 9.22
C GLU A 442 -4.15 -27.68 8.00
N ALA A 443 -3.99 -27.11 6.81
CA ALA A 443 -4.41 -27.79 5.58
C ALA A 443 -3.65 -29.12 5.45
N ARG A 444 -4.31 -30.14 4.88
CA ARG A 444 -3.71 -31.45 4.70
C ARG A 444 -3.04 -31.56 3.34
N VAL A 445 -3.21 -30.54 2.51
CA VAL A 445 -2.54 -30.49 1.22
C VAL A 445 -1.30 -29.62 1.36
N LYS A 446 -0.13 -30.18 1.05
CA LYS A 446 1.15 -29.53 1.31
C LYS A 446 1.31 -28.19 0.60
N SER A 447 0.94 -28.15 -0.67
CA SER A 447 1.00 -26.94 -1.48
C SER A 447 0.28 -25.77 -0.82
N VAL A 448 -0.96 -26.04 -0.42
CA VAL A 448 -1.82 -25.07 0.27
C VAL A 448 -1.27 -24.66 1.64
N ARG A 449 -0.86 -25.65 2.42
CA ARG A 449 -0.33 -25.41 3.76
C ARG A 449 0.93 -24.56 3.75
N GLU A 450 1.85 -24.87 2.84
CA GLU A 450 3.13 -24.16 2.83
C GLU A 450 2.95 -22.73 2.31
N ALA A 451 2.00 -22.53 1.41
CA ALA A 451 1.66 -21.17 0.98
C ALA A 451 1.09 -20.39 2.17
N ALA A 452 0.23 -21.04 2.94
CA ALA A 452 -0.33 -20.45 4.15
C ALA A 452 0.77 -20.12 5.17
N GLU A 453 1.77 -20.99 5.27
CA GLU A 453 2.89 -20.71 6.18
C GLU A 453 3.66 -19.45 5.78
N ARG A 454 3.90 -19.26 4.49
CA ARG A 454 4.61 -18.06 4.06
C ARG A 454 3.78 -16.80 4.34
N MET A 455 2.46 -16.90 4.14
CA MET A 455 1.58 -15.76 4.48
C MET A 455 1.69 -15.44 5.96
N ALA A 456 1.69 -16.51 6.75
CA ALA A 456 1.56 -16.39 8.19
C ALA A 456 2.79 -15.80 8.83
N PHE A 457 3.98 -16.20 8.39
CA PHE A 457 5.17 -15.61 9.01
C PHE A 457 5.56 -14.24 8.45
N ASN A 458 5.05 -13.92 7.26
CA ASN A 458 5.24 -12.57 6.75
C ASN A 458 4.42 -11.55 7.54
N MET A 459 3.22 -11.95 7.96
CA MET A 459 2.29 -10.96 8.51
C MET A 459 2.81 -10.19 9.74
N PRO A 460 3.40 -10.89 10.74
CA PRO A 460 3.90 -10.12 11.89
C PRO A 460 4.96 -9.09 11.51
N VAL A 461 5.75 -9.39 10.49
CA VAL A 461 6.79 -8.46 10.10
C VAL A 461 6.22 -7.30 9.31
N GLN A 462 5.51 -7.60 8.23
CA GLN A 462 4.93 -6.54 7.41
C GLN A 462 3.93 -5.73 8.24
N GLY A 463 3.20 -6.43 9.09
CA GLY A 463 2.16 -5.78 9.89
C GLY A 463 2.72 -4.91 11.01
N THR A 464 3.82 -5.35 11.63
CA THR A 464 4.43 -4.51 12.66
C THR A 464 4.98 -3.24 12.00
N ALA A 465 5.60 -3.36 10.84
CA ALA A 465 6.06 -2.20 10.11
C ALA A 465 4.88 -1.26 9.83
N ALA A 466 3.72 -1.84 9.48
CA ALA A 466 2.53 -1.02 9.20
C ALA A 466 2.02 -0.29 10.45
N ASP A 467 1.99 -1.01 11.57
CA ASP A 467 1.59 -0.42 12.87
C ASP A 467 2.48 0.77 13.21
N LEU A 468 3.78 0.59 13.03
CA LEU A 468 4.74 1.65 13.36
C LEU A 468 4.52 2.88 12.49
N MET A 469 4.33 2.68 11.19
CA MET A 469 4.07 3.81 10.30
CA MET A 469 4.08 3.81 10.28
C MET A 469 2.77 4.51 10.66
N LYS A 470 1.74 3.73 10.97
CA LYS A 470 0.45 4.31 11.34
C LYS A 470 0.56 5.15 12.61
N LEU A 471 1.23 4.63 13.63
CA LEU A 471 1.43 5.38 14.87
C LEU A 471 2.24 6.66 14.62
N ALA A 472 3.28 6.55 13.78
CA ALA A 472 4.07 7.74 13.42
C ALA A 472 3.20 8.82 12.77
N MET A 473 2.29 8.40 11.88
CA MET A 473 1.40 9.35 11.22
C MET A 473 0.53 10.07 12.23
N VAL A 474 0.02 9.31 13.20
CA VAL A 474 -0.84 9.89 14.24
C VAL A 474 -0.07 10.90 15.10
N LYS A 475 1.19 10.59 15.40
CA LYS A 475 2.00 11.51 16.20
C LYS A 475 2.40 12.74 15.38
N LEU A 476 2.69 12.54 14.10
CA LEU A 476 3.24 13.61 13.26
C LEU A 476 2.21 14.63 12.85
N PHE A 477 1.01 14.18 12.49
CA PHE A 477 -0.01 15.08 11.95
C PHE A 477 -0.27 16.40 12.71
N PRO A 478 -0.53 16.34 14.03
CA PRO A 478 -0.73 17.63 14.71
C PRO A 478 0.50 18.54 14.71
N ARG A 479 1.70 17.96 14.69
CA ARG A 479 2.91 18.77 14.58
C ARG A 479 2.93 19.53 13.25
N LEU A 480 2.58 18.86 12.15
CA LEU A 480 2.59 19.50 10.83
C LEU A 480 1.59 20.64 10.76
N GLU A 481 0.38 20.39 11.27
CA GLU A 481 -0.66 21.42 11.32
C GLU A 481 -0.13 22.68 12.00
N GLU A 482 0.56 22.49 13.13
CA GLU A 482 1.13 23.60 13.87
C GLU A 482 2.14 24.38 13.03
N MET A 483 2.81 23.71 12.11
CA MET A 483 3.86 24.35 11.32
C MET A 483 3.36 24.80 9.96
N GLY A 484 2.08 24.57 9.69
CA GLY A 484 1.49 24.95 8.42
C GLY A 484 1.96 24.09 7.26
N ALA A 485 2.36 22.86 7.57
CA ALA A 485 2.71 21.88 6.54
C ALA A 485 1.57 20.89 6.33
N ARG A 486 1.65 20.09 5.28
CA ARG A 486 0.59 19.14 4.92
C ARG A 486 1.17 17.72 4.81
N MET A 487 0.40 16.72 5.24
CA MET A 487 0.74 15.33 4.94
C MET A 487 -0.01 14.95 3.66
N LEU A 488 0.69 14.48 2.62
CA LEU A 488 0.01 14.17 1.34
C LEU A 488 -0.19 12.68 1.08
N LEU A 489 0.88 11.91 1.21
CA LEU A 489 0.80 10.51 0.85
C LEU A 489 1.52 9.63 1.85
N GLN A 490 1.03 8.39 1.98
CA GLN A 490 1.76 7.34 2.67
C GLN A 490 2.01 6.24 1.65
N VAL A 491 3.24 5.73 1.58
CA VAL A 491 3.54 4.61 0.70
C VAL A 491 4.24 3.52 1.51
N HIS A 492 3.48 2.98 2.47
CA HIS A 492 3.88 1.84 3.30
C HIS A 492 4.93 2.15 4.36
N ASP A 493 6.13 2.54 3.96
CA ASP A 493 7.13 2.93 4.96
C ASP A 493 7.68 4.31 4.62
N GLU A 494 6.93 5.03 3.81
CA GLU A 494 7.29 6.36 3.33
C GLU A 494 6.13 7.34 3.53
N LEU A 495 6.46 8.58 3.89
CA LEU A 495 5.49 9.67 3.87
C LEU A 495 5.98 10.75 2.93
N VAL A 496 5.05 11.35 2.20
CA VAL A 496 5.37 12.52 1.39
C VAL A 496 4.58 13.67 1.96
N LEU A 497 5.29 14.75 2.31
CA LEU A 497 4.69 15.92 2.92
C LEU A 497 4.85 17.09 1.98
N GLU A 498 4.12 18.17 2.23
CA GLU A 498 4.29 19.39 1.48
C GLU A 498 4.46 20.54 2.49
N ALA A 499 5.53 21.31 2.34
CA ALA A 499 5.86 22.36 3.32
C ALA A 499 6.19 23.68 2.63
N PRO A 500 5.80 24.80 3.24
CA PRO A 500 6.23 26.09 2.70
C PRO A 500 7.76 26.13 2.62
N LYS A 501 8.30 26.71 1.55
CA LYS A 501 9.75 26.67 1.30
C LYS A 501 10.60 27.05 2.51
N GLU A 502 10.22 28.13 3.18
CA GLU A 502 11.01 28.64 4.29
C GLU A 502 10.97 27.73 5.51
N ARG A 503 10.03 26.79 5.53
CA ARG A 503 9.87 25.89 6.67
C ARG A 503 10.25 24.45 6.34
N ALA A 504 10.61 24.19 5.09
CA ALA A 504 10.78 22.80 4.64
C ALA A 504 11.88 22.08 5.40
N GLU A 505 12.96 22.79 5.69
CA GLU A 505 14.08 22.17 6.39
C GLU A 505 13.69 21.78 7.80
N ALA A 506 13.01 22.68 8.50
CA ALA A 506 12.54 22.40 9.86
C ALA A 506 11.50 21.27 9.89
N VAL A 507 10.61 21.25 8.91
CA VAL A 507 9.60 20.18 8.81
C VAL A 507 10.29 18.84 8.58
N ALA A 508 11.27 18.82 7.68
CA ALA A 508 12.03 17.61 7.39
C ALA A 508 12.68 17.04 8.65
N ARG A 509 13.33 17.91 9.41
CA ARG A 509 14.04 17.47 10.61
C ARG A 509 13.07 16.94 11.65
N LEU A 510 11.97 17.66 11.85
CA LEU A 510 10.99 17.24 12.85
C LEU A 510 10.31 15.93 12.46
N ALA A 511 9.92 15.80 11.19
CA ALA A 511 9.25 14.59 10.74
C ALA A 511 10.18 13.38 10.89
N LYS A 512 11.46 13.58 10.58
CA LYS A 512 12.45 12.53 10.68
C LYS A 512 12.52 12.03 12.12
N GLU A 513 12.57 12.98 13.05
CA GLU A 513 12.69 12.62 14.46
C GLU A 513 11.43 11.91 14.97
N VAL A 514 10.27 12.42 14.57
CA VAL A 514 9.03 11.77 14.99
C VAL A 514 8.96 10.34 14.48
N MET A 515 9.31 10.12 13.22
CA MET A 515 9.26 8.76 12.66
C MET A 515 10.31 7.83 13.30
N GLU A 516 11.53 8.32 13.50
CA GLU A 516 12.59 7.48 14.09
C GLU A 516 12.30 7.10 15.54
N GLY A 517 11.61 7.98 16.26
CA GLY A 517 11.35 7.74 17.67
C GLY A 517 9.95 7.24 17.97
N VAL A 518 9.22 6.81 16.94
CA VAL A 518 7.82 6.41 17.09
C VAL A 518 7.59 5.39 18.20
N TYR A 519 8.48 4.42 18.33
CA TYR A 519 8.30 3.34 19.29
C TYR A 519 9.62 2.60 19.38
N PRO A 520 10.44 2.93 20.38
CA PRO A 520 11.78 2.34 20.46
C PRO A 520 11.80 0.81 20.48
N LEU A 521 12.65 0.24 19.63
CA LEU A 521 12.82 -1.20 19.52
C LEU A 521 14.22 -1.62 19.98
N ALA A 522 14.56 -2.89 19.78
CA ALA A 522 15.87 -3.41 20.13
C ALA A 522 16.96 -2.88 19.19
N VAL A 523 16.54 -2.29 18.09
CA VAL A 523 17.45 -1.66 17.15
C VAL A 523 16.94 -0.26 16.86
N PRO A 524 17.83 0.64 16.45
CA PRO A 524 17.35 1.98 16.10
C PRO A 524 16.54 1.92 14.81
N LEU A 525 15.60 2.84 14.66
CA LEU A 525 14.97 3.05 13.37
C LEU A 525 15.65 4.26 12.76
N GLU A 526 16.01 4.14 11.49
CA GLU A 526 16.60 5.26 10.76
C GLU A 526 15.70 5.63 9.61
N VAL A 527 15.61 6.93 9.34
CA VAL A 527 14.79 7.44 8.27
C VAL A 527 15.64 8.27 7.30
N GLU A 528 15.51 7.99 6.02
CA GLU A 528 16.15 8.82 5.00
C GLU A 528 15.16 9.88 4.56
N VAL A 529 15.60 11.12 4.48
CA VAL A 529 14.71 12.22 4.18
C VAL A 529 15.30 13.09 3.08
N GLY A 530 14.48 13.46 2.11
CA GLY A 530 14.92 14.39 1.08
C GLY A 530 13.89 15.47 0.88
N ILE A 531 14.30 16.57 0.25
CA ILE A 531 13.43 17.70 -0.01
C ILE A 531 13.58 18.07 -1.47
N GLY A 532 12.47 18.33 -2.17
CA GLY A 532 12.57 18.73 -3.56
C GLY A 532 11.30 19.29 -4.17
N GLU A 533 11.41 19.81 -5.39
CA GLU A 533 10.26 20.38 -6.11
C GLU A 533 9.35 19.29 -6.67
N ASP A 534 9.89 18.08 -6.81
CA ASP A 534 9.10 16.95 -7.30
C ASP A 534 9.41 15.70 -6.50
N TRP A 535 8.54 14.71 -6.61
CA TRP A 535 8.65 13.50 -5.79
C TRP A 535 9.95 12.75 -6.05
N LEU A 536 10.38 12.72 -7.31
CA LEU A 536 11.63 12.06 -7.64
C LEU A 536 12.80 12.77 -6.96
N SER A 537 12.88 14.10 -7.09
CA SER A 537 14.00 14.81 -6.49
C SER A 537 13.96 14.79 -4.95
N ALA A 538 12.78 14.60 -4.38
CA ALA A 538 12.65 14.54 -2.91
C ALA A 538 13.10 13.21 -2.28
N LYS A 539 13.35 12.20 -3.09
CA LYS A 539 13.91 10.94 -2.57
C LYS A 539 15.36 10.79 -3.01
N GLU A 540 15.88 11.86 -3.60
CA GLU A 540 17.20 11.88 -4.26
C GLU A 540 17.22 11.03 -5.52
P DDG B 12 8.74 1.63 -4.55
OP1 DDG B 12 9.34 2.92 -4.05
OP2 DDG B 12 9.64 0.60 -5.20
O5' DDG B 12 8.09 0.87 -3.29
C5' DDG B 12 7.30 1.63 -2.38
C4' DDG B 12 6.78 0.80 -1.23
O4' DDG B 12 5.91 -0.22 -1.72
C3' DDG B 12 7.91 0.06 -0.52
C2' DDG B 12 7.17 -1.12 0.09
C1' DDG B 12 6.08 -1.40 -0.93
N9 DDG B 12 6.51 -2.48 -1.84
C8 DDG B 12 7.19 -2.34 -3.02
N7 DDG B 12 7.38 -3.56 -3.60
C5 DDG B 12 6.83 -4.49 -2.77
C6 DDG B 12 6.67 -5.96 -2.78
O6 DDG B 12 7.14 -6.64 -3.71
N1 DDG B 12 6.05 -6.53 -1.73
C2 DDG B 12 5.55 -5.80 -0.71
N2 DDG B 12 4.92 -6.44 0.30
N3 DDG B 12 5.63 -4.44 -0.64
C4 DDG B 12 6.25 -3.76 -1.63
O2 0R6 D . 8.34 -7.01 1.04
C2 0R6 D . 8.97 -6.26 0.25
N3 0R6 D . 9.38 -6.74 -0.95
C4 0R6 D . 10.05 -5.94 -1.83
N4 0R6 D . 10.46 -6.43 -3.02
C5 0R6 D . 10.33 -4.53 -1.48
C29 0R6 D . 10.98 -3.76 -2.33
C30 0R6 D . 11.55 -3.06 -3.12
C31 0R6 D . 12.18 -2.27 -3.96
C36 0R6 D . 13.04 -2.77 -4.94
C35 0R6 D . 13.70 -1.91 -5.81
C34 0R6 D . 13.50 -0.52 -5.73
C37 0R6 D . 14.08 0.29 -6.54
C38 0R6 D . 14.67 1.09 -7.33
C33 0R6 D . 12.64 -0.01 -4.77
C32 0R6 D . 12.00 -0.89 -3.89
C6 0R6 D . 9.88 -4.09 -0.23
N1 0R6 D . 9.21 -4.93 0.61
C1' 0R6 D . 8.74 -4.52 1.97
C2' 0R6 D . 9.94 -4.81 2.87
C3' 0R6 D . 10.61 -3.44 3.01
O3' 0R6 D . 11.34 -3.33 4.25
O4' 0R6 D . 8.48 -3.13 2.08
C4' 0R6 D . 9.41 -2.50 2.97
C5' 0R6 D . 9.76 -1.08 2.53
O5' 0R6 D . 10.28 -1.14 1.19
PA 0R6 D . 11.51 -0.20 0.84
O1A 0R6 D . 11.40 1.13 1.55
O2A 0R6 D . 11.72 -0.16 -0.65
O3A 0R6 D . 12.72 -1.11 1.42
PB 0R6 D . 13.55 -0.94 2.79
O1B 0R6 D . 12.84 -0.02 3.75
O2B 0R6 D . 13.84 -2.34 3.26
O3B 0R6 D . 14.96 -0.37 2.27
PG 0R6 D . 15.38 1.17 2.07
O3G 0R6 D . 14.14 2.01 2.32
O1G 0R6 D . 16.48 1.38 3.09
O2G 0R6 D . 15.85 1.22 0.64
MG MG E . 12.31 1.92 3.25
MG MG F . 9.84 2.77 0.85
C1 GOL G . 14.64 3.19 -4.15
O1 GOL G . 15.22 2.55 -3.03
C2 GOL G . 13.62 4.28 -3.78
O2 GOL G . 13.47 4.48 -2.39
C3 GOL G . 12.29 4.02 -4.48
O3 GOL G . 11.28 4.90 -4.03
C1 GOL H . -2.71 4.88 -11.34
O1 GOL H . -2.21 3.95 -10.40
C2 GOL H . -4.08 4.38 -11.76
O2 GOL H . -4.85 4.19 -10.59
C3 GOL H . -4.76 5.38 -12.69
O3 GOL H . -6.06 4.92 -13.02
O2 PGE I . -4.01 23.74 -1.97
C3 PGE I . -4.71 23.17 -0.88
C4 PGE I . -4.74 21.65 -1.01
O3 PGE I . -5.92 21.21 -1.67
C1 GOL J . 9.03 18.68 -12.41
O1 GOL J . 9.93 17.63 -12.68
C2 GOL J . 7.83 18.59 -13.35
O2 GOL J . 7.32 19.90 -13.58
C3 GOL J . 8.22 17.92 -14.65
O3 GOL J . 9.32 18.58 -15.25
C ACT K . -15.86 4.71 22.98
O ACT K . -16.37 5.03 21.88
OXT ACT K . -14.60 4.73 23.03
CH3 ACT K . -16.69 4.31 24.16
C1 GOL L . 14.67 -23.13 -22.72
O1 GOL L . 15.13 -24.12 -21.84
C2 GOL L . 15.81 -22.13 -23.01
O2 GOL L . 15.70 -21.03 -22.15
C3 GOL L . 15.71 -21.67 -24.46
O3 GOL L . 16.43 -20.46 -24.61
C ACT M . -2.58 -15.60 -33.47
O ACT M . -1.89 -15.07 -32.57
OXT ACT M . -3.68 -16.07 -33.10
CH3 ACT M . -2.10 -15.65 -34.89
C1 GOL N . -12.81 12.12 -13.00
O1 GOL N . -13.62 12.74 -13.99
C2 GOL N . -13.67 11.09 -12.29
O2 GOL N . -14.84 10.90 -13.05
C3 GOL N . -12.90 9.77 -12.22
O3 GOL N . -12.60 9.49 -10.87
C1 GOL O . 29.48 -12.44 -9.98
O1 GOL O . 29.61 -11.03 -9.98
C2 GOL O . 28.20 -12.85 -9.24
O2 GOL O . 27.36 -13.57 -10.11
C3 GOL O . 28.56 -13.72 -8.04
O3 GOL O . 27.44 -14.50 -7.69
C ACT P . 1.00 -2.09 23.00
O ACT P . -0.24 -2.16 23.18
OXT ACT P . 1.51 -0.95 23.12
CH3 ACT P . 1.81 -3.31 22.65
O2 PGE Q . -22.59 -1.47 -27.09
C3 PGE Q . -23.37 -0.54 -26.34
C4 PGE Q . -22.50 0.59 -25.80
O3 PGE Q . -23.34 1.58 -25.19
MG MG R . -5.71 -10.83 -9.69
C1 GOL S . -0.72 -6.05 -17.83
O1 GOL S . -0.02 -5.46 -16.76
C2 GOL S . 0.25 -6.71 -18.81
O2 GOL S . 0.86 -5.73 -19.62
C3 GOL S . -0.49 -7.72 -19.67
O3 GOL S . -1.79 -7.26 -19.98
C1 GOL T . 9.20 -7.12 -5.87
O1 GOL T . 8.78 -5.77 -5.92
C2 GOL T . 9.10 -7.83 -7.21
O2 GOL T . 9.15 -9.23 -6.96
C3 GOL T . 7.79 -7.44 -7.90
O3 GOL T . 6.97 -8.59 -8.09
C ACT U . -5.29 -7.60 -4.48
O ACT U . -6.30 -7.37 -3.77
OXT ACT U . -4.21 -7.12 -4.11
CH3 ACT U . -5.36 -8.40 -5.73
C1 GOL V . -5.31 -11.81 1.62
O1 GOL V . -6.58 -12.31 1.99
C2 GOL V . -4.85 -12.48 0.34
O2 GOL V . -4.73 -11.50 -0.66
C3 GOL V . -3.52 -13.19 0.58
O3 GOL V . -3.04 -13.79 -0.59
C1 GOL W . -14.28 -4.92 -22.99
O1 GOL W . -14.35 -5.86 -21.94
C2 GOL W . -13.93 -5.63 -24.30
O2 GOL W . -12.87 -6.54 -24.09
C3 GOL W . -15.17 -6.32 -24.89
O3 GOL W . -15.12 -7.73 -24.77
C1 GOL X . 2.12 -13.51 -4.35
O1 GOL X . 3.50 -13.49 -4.61
C2 GOL X . 1.69 -12.28 -3.55
O2 GOL X . 1.97 -11.08 -4.25
C3 GOL X . 0.19 -12.34 -3.32
O3 GOL X . -0.09 -11.61 -2.15
#